data_5V0U
#
_entry.id   5V0U
#
_cell.length_a   68.850
_cell.length_b   68.850
_cell.length_c   396.330
_cell.angle_alpha   90.000
_cell.angle_beta   90.000
_cell.angle_gamma   120.000
#
_symmetry.space_group_name_H-M   'P 65 2 2'
#
loop_
_entity.id
_entity.type
_entity.pdbx_description
1 polymer 'Polymerase acidic protein'
2 non-polymer 4-(5-chlorothiophen-2-yl)-1H-pyrazole
3 water water
#
_entity_poly.entity_id   1
_entity_poly.type   'polypeptide(L)'
_entity_poly.pdbx_seq_one_letter_code
;GNARIEPFLKSTPRPLRLPDGPPCSQRSKFLLMDALKLSIEDPSHEGEGIPLYDAIKCMRTFFGWKEPNVVKPHEKGINP
NYLLSWKQVLAELQDIENEEKIPRTKNMKKTSQLKWALGENMAPEKVDFDDCKDVGDLKQYDSDEPELRSLASWIQNEFN
KACELTDSSWIELDEIGEDAAPIEHIASMRRNYFTAEVSHCRATEYIMKGVYINTALLNASCAAMDDFQLIPMISKCRTK
EGRRKTNLYGFIIKGRSHLRNDTDVVNFVSMEFSLTDPRLEPHKWEKYCVLEVGDMLLRSAIGHVSRPMFLYVRTNGTSK
IKMKWGMEMRRCLLQSLQQIESMIEAESSVKEKDMTKEFFENKSETWPVGESPKGVEEGSIGKVCRTLLAKSVFNSLYAS
PQLEGFSAESRKLLLIVQALRDNLEPGTFDLGGLYEAIEECLINDPWVLLNASWFNSFLTHALR
;
_entity_poly.pdbx_strand_id   A
#
loop_
_chem_comp.id
_chem_comp.type
_chem_comp.name
_chem_comp.formula
8QG non-polymer 4-(5-chlorothiophen-2-yl)-1H-pyrazole 'C7 H5 Cl N2 S'
#
# COMPACT_ATOMS: atom_id res chain seq x y z
N ARG A 14 22.66 -18.58 -17.85
CA ARG A 14 22.96 -17.14 -17.87
C ARG A 14 21.98 -16.36 -17.01
N PRO A 15 22.49 -15.64 -16.01
CA PRO A 15 21.62 -14.80 -15.19
C PRO A 15 21.17 -13.56 -15.94
N LEU A 16 19.98 -13.07 -15.59
CA LEU A 16 19.49 -11.83 -16.15
C LEU A 16 20.42 -10.68 -15.77
N ARG A 17 20.67 -9.78 -16.73
CA ARG A 17 21.54 -8.64 -16.52
C ARG A 17 20.71 -7.50 -15.95
N LEU A 18 20.99 -7.13 -14.67
CA LEU A 18 20.20 -6.02 -14.12
C LEU A 18 20.89 -4.69 -14.40
N PRO A 19 20.11 -3.61 -14.55
CA PRO A 19 20.69 -2.35 -15.01
C PRO A 19 21.53 -1.68 -13.93
N ASP A 20 22.61 -1.04 -14.36
CA ASP A 20 23.37 -0.16 -13.49
C ASP A 20 22.76 1.24 -13.50
N GLY A 21 23.10 2.01 -12.48
CA GLY A 21 22.62 3.36 -12.39
C GLY A 21 22.29 3.74 -10.97
N PRO A 22 21.75 4.95 -10.77
CA PRO A 22 21.41 5.38 -9.43
C PRO A 22 20.32 4.50 -8.85
N PRO A 23 20.25 4.38 -7.54
CA PRO A 23 19.25 3.49 -6.93
C PRO A 23 17.84 3.90 -7.33
N CYS A 24 16.94 2.92 -7.31
CA CYS A 24 15.55 3.18 -7.64
C CYS A 24 14.85 3.85 -6.46
N SER A 25 13.73 4.48 -6.76
CA SER A 25 13.03 5.30 -5.77
C SER A 25 11.58 4.85 -5.61
N GLN A 26 11.03 5.24 -4.49
CA GLN A 26 9.65 4.91 -4.17
C GLN A 26 8.69 5.53 -5.20
N ARG A 27 7.78 4.70 -5.70
CA ARG A 27 6.79 5.15 -6.67
C ARG A 27 5.38 4.70 -6.32
N SER A 28 5.15 4.21 -5.12
CA SER A 28 3.79 3.80 -4.77
C SER A 28 2.90 5.03 -4.54
N LYS A 29 1.58 4.81 -4.64
CA LYS A 29 0.63 5.89 -4.48
C LYS A 29 0.54 6.40 -3.04
N PHE A 30 0.92 5.59 -2.06
CA PHE A 30 0.97 6.03 -0.68
C PHE A 30 2.12 5.32 0.01
N LEU A 31 2.54 5.84 1.15
CA LEU A 31 3.61 5.18 1.92
C LEU A 31 3.19 3.77 2.30
N LEU A 32 4.18 2.86 2.35
CA LEU A 32 3.98 1.49 2.78
C LEU A 32 4.59 1.34 4.15
N MET A 33 5.81 0.76 4.28
CA MET A 33 6.39 0.50 5.59
C MET A 33 6.64 1.78 6.38
N ASP A 34 6.69 2.95 5.74
CA ASP A 34 7.05 4.17 6.43
C ASP A 34 5.84 4.94 6.95
N ALA A 35 4.63 4.45 6.71
CA ALA A 35 3.47 5.20 7.13
C ALA A 35 3.43 5.33 8.65
N LEU A 36 2.69 6.33 9.11
CA LEU A 36 2.44 6.56 10.52
C LEU A 36 0.98 6.94 10.68
N LYS A 37 0.36 6.43 11.74
CA LYS A 37 -1.07 6.61 11.98
C LYS A 37 -1.30 7.46 13.22
N LEU A 38 -2.21 8.41 13.10
CA LEU A 38 -2.88 8.99 14.26
C LEU A 38 -4.24 8.31 14.39
N SER A 39 -4.55 7.82 15.58
CA SER A 39 -5.66 6.90 15.75
C SER A 39 -6.59 7.34 16.87
N ILE A 40 -7.84 6.88 16.78
CA ILE A 40 -8.81 7.02 17.84
C ILE A 40 -9.47 5.68 18.07
N GLU A 41 -9.74 5.36 19.33
CA GLU A 41 -10.30 4.08 19.68
C GLU A 41 -11.80 4.23 19.86
N ASP A 42 -12.53 3.16 19.54
CA ASP A 42 -14.00 3.02 19.61
C ASP A 42 -14.73 4.34 19.44
N PRO A 43 -14.48 5.07 18.34
CA PRO A 43 -14.97 6.45 18.26
C PRO A 43 -16.48 6.54 18.46
N SER A 44 -16.91 7.63 19.11
CA SER A 44 -18.34 7.86 19.32
C SER A 44 -18.69 9.36 19.30
N HIS A 45 -17.97 10.16 18.52
CA HIS A 45 -18.26 11.57 18.42
C HIS A 45 -19.48 11.81 17.54
N GLU A 46 -20.04 13.01 17.64
CA GLU A 46 -21.12 13.42 16.74
C GLU A 46 -20.61 13.32 15.31
N GLY A 47 -21.18 12.42 14.51
CA GLY A 47 -20.73 12.22 13.15
C GLY A 47 -19.63 11.20 12.97
N GLU A 48 -19.54 10.19 13.85
CA GLU A 48 -18.53 9.15 13.69
C GLU A 48 -18.78 8.37 12.40
N GLY A 49 -17.76 8.32 11.54
CA GLY A 49 -17.87 7.66 10.26
C GLY A 49 -17.92 8.60 9.06
N ILE A 50 -17.97 9.89 9.28
CA ILE A 50 -17.73 10.88 8.23
C ILE A 50 -16.24 11.15 8.17
N PRO A 51 -15.57 10.86 7.05
CA PRO A 51 -14.09 10.95 7.00
C PRO A 51 -13.50 12.23 7.59
N LEU A 52 -14.01 13.39 7.19
CA LEU A 52 -13.48 14.64 7.69
C LEU A 52 -13.60 14.74 9.20
N TYR A 53 -14.76 14.35 9.75
CA TYR A 53 -14.94 14.32 11.20
C TYR A 53 -13.93 13.40 11.87
N ASP A 54 -13.75 12.19 11.33
CA ASP A 54 -12.76 11.28 11.90
C ASP A 54 -11.36 11.87 11.81
N ALA A 55 -11.03 12.54 10.70
CA ALA A 55 -9.68 13.06 10.54
C ALA A 55 -9.38 14.11 11.61
N ILE A 56 -10.33 15.02 11.84
CA ILE A 56 -10.11 16.08 12.82
C ILE A 56 -9.91 15.49 14.21
N LYS A 57 -10.75 14.52 14.58
CA LYS A 57 -10.58 13.90 15.89
C LYS A 57 -9.22 13.20 15.99
N CYS A 58 -8.79 12.52 14.93
CA CYS A 58 -7.44 11.96 14.94
C CYS A 58 -6.40 13.05 15.08
N MET A 59 -6.52 14.12 14.30
CA MET A 59 -5.61 15.27 14.39
C MET A 59 -5.56 15.82 15.81
N ARG A 60 -6.71 15.96 16.46
CA ARG A 60 -6.76 16.52 17.80
C ARG A 60 -6.13 15.63 18.87
N THR A 61 -5.79 14.38 18.57
CA THR A 61 -5.10 13.56 19.57
C THR A 61 -3.61 13.86 19.68
N PHE A 62 -3.04 14.64 18.77
CA PHE A 62 -1.60 14.86 18.75
C PHE A 62 -1.34 16.32 19.12
N PHE A 63 -0.41 16.52 20.05
CA PHE A 63 -0.10 17.85 20.55
C PHE A 63 1.36 18.24 20.31
N GLY A 64 2.09 17.49 19.49
CA GLY A 64 3.49 17.78 19.27
C GLY A 64 3.78 18.53 17.99
N TRP A 65 2.76 19.12 17.37
CA TRP A 65 2.95 19.94 16.18
C TRP A 65 3.92 21.07 16.48
N LYS A 66 4.68 21.45 15.46
CA LYS A 66 5.56 22.60 15.59
C LYS A 66 5.70 23.22 14.21
N GLU A 67 6.27 24.42 14.18
CA GLU A 67 6.47 25.15 12.93
C GLU A 67 7.18 24.26 11.92
N PRO A 68 6.56 23.95 10.79
CA PRO A 68 7.15 22.98 9.88
C PRO A 68 8.26 23.57 9.04
N ASN A 69 9.17 22.71 8.61
CA ASN A 69 10.23 23.13 7.71
C ASN A 69 10.67 21.95 6.86
N VAL A 70 11.35 22.26 5.76
CA VAL A 70 11.86 21.24 4.84
C VAL A 70 13.10 20.61 5.45
N VAL A 71 13.19 19.28 5.40
CA VAL A 71 14.43 18.60 5.76
C VAL A 71 15.00 17.77 4.61
N LYS A 72 14.20 17.43 3.60
CA LYS A 72 14.70 16.75 2.41
C LYS A 72 13.97 17.38 1.25
N PRO A 73 14.61 18.32 0.55
CA PRO A 73 13.92 19.05 -0.50
C PRO A 73 13.75 18.18 -1.72
N HIS A 74 12.68 18.46 -2.45
CA HIS A 74 12.44 17.83 -3.73
C HIS A 74 13.33 18.52 -4.77
N GLU A 75 14.19 17.74 -5.44
CA GLU A 75 15.21 18.34 -6.30
C GLU A 75 14.60 19.00 -7.53
N LYS A 76 13.43 18.57 -7.98
CA LYS A 76 12.85 19.06 -9.21
C LYS A 76 11.57 19.86 -8.99
N GLY A 77 11.17 20.10 -7.74
CA GLY A 77 9.92 20.75 -7.44
C GLY A 77 10.12 22.08 -6.73
N ILE A 78 9.01 22.78 -6.52
CA ILE A 78 9.03 24.09 -5.86
C ILE A 78 8.78 23.84 -4.37
N ASN A 79 9.85 23.71 -3.61
CA ASN A 79 9.71 23.34 -2.20
C ASN A 79 8.90 24.30 -1.35
N PRO A 80 8.98 25.63 -1.51
CA PRO A 80 8.09 26.51 -0.73
C PRO A 80 6.62 26.22 -0.95
N ASN A 81 6.22 25.73 -2.13
CA ASN A 81 4.80 25.46 -2.33
C ASN A 81 4.34 24.25 -1.53
N TYR A 82 5.17 23.20 -1.41
CA TYR A 82 4.80 22.08 -0.55
C TYR A 82 4.66 22.56 0.90
N LEU A 83 5.64 23.31 1.40
CA LEU A 83 5.51 23.87 2.75
C LEU A 83 4.21 24.66 2.88
N LEU A 84 3.97 25.61 1.97
CA LEU A 84 2.75 26.41 2.05
C LEU A 84 1.52 25.52 2.02
N SER A 85 1.57 24.42 1.27
CA SER A 85 0.41 23.55 1.12
C SER A 85 0.06 22.85 2.43
N TRP A 86 1.07 22.44 3.19
CA TRP A 86 0.80 21.81 4.48
C TRP A 86 0.28 22.83 5.47
N LYS A 87 0.87 24.02 5.49
CA LYS A 87 0.39 25.05 6.40
C LYS A 87 -1.05 25.43 6.07
N GLN A 88 -1.42 25.40 4.78
CA GLN A 88 -2.81 25.67 4.41
C GLN A 88 -3.76 24.59 4.94
N VAL A 89 -3.33 23.32 4.89
CA VAL A 89 -4.15 22.25 5.44
C VAL A 89 -4.44 22.50 6.92
N LEU A 90 -3.40 22.77 7.71
CA LEU A 90 -3.59 23.04 9.14
C LEU A 90 -4.48 24.24 9.37
N ALA A 91 -4.29 25.30 8.59
CA ALA A 91 -5.07 26.51 8.76
C ALA A 91 -6.54 26.29 8.42
N GLU A 92 -6.82 25.54 7.36
CA GLU A 92 -8.22 25.32 6.97
C GLU A 92 -8.90 24.31 7.88
N LEU A 93 -8.15 23.37 8.48
CA LEU A 93 -8.73 22.56 9.53
C LEU A 93 -8.97 23.40 10.79
N GLN A 94 -8.06 24.33 11.08
CA GLN A 94 -8.27 25.22 12.22
C GLN A 94 -9.51 26.09 12.02
N ASP A 95 -9.81 26.48 10.77
CA ASP A 95 -11.05 27.19 10.50
C ASP A 95 -12.26 26.30 10.79
N ILE A 96 -12.28 25.09 10.23
CA ILE A 96 -13.39 24.16 10.43
C ILE A 96 -13.72 24.01 11.90
N GLU A 97 -12.71 24.06 12.77
CA GLU A 97 -12.93 23.97 14.19
C GLU A 97 -13.70 25.16 14.76
N ASN A 98 -13.86 26.24 14.01
CA ASN A 98 -14.64 27.39 14.46
C ASN A 98 -16.06 27.38 13.91
N GLU A 99 -16.26 26.92 12.68
CA GLU A 99 -17.59 26.70 12.14
C GLU A 99 -18.36 25.69 12.99
N GLU A 100 -19.39 26.15 13.69
CA GLU A 100 -20.11 25.30 14.64
C GLU A 100 -20.60 24.00 13.99
N LYS A 101 -21.07 24.08 12.75
CA LYS A 101 -21.46 22.90 11.98
C LYS A 101 -20.28 22.54 11.09
N ILE A 102 -19.48 21.56 11.54
CA ILE A 102 -18.41 20.99 10.73
C ILE A 102 -19.01 20.50 9.42
N PRO A 103 -18.49 20.94 8.27
CA PRO A 103 -19.07 20.51 7.00
C PRO A 103 -18.77 19.05 6.74
N ARG A 104 -19.56 18.45 5.85
CA ARG A 104 -19.32 17.07 5.48
C ARG A 104 -17.99 16.93 4.75
N THR A 105 -17.70 17.85 3.82
CA THR A 105 -16.44 17.85 3.11
C THR A 105 -15.84 19.25 3.19
N LYS A 106 -14.56 19.32 2.86
CA LYS A 106 -13.80 20.57 2.92
C LYS A 106 -13.14 20.78 1.58
N ASN A 107 -13.48 21.87 0.90
CA ASN A 107 -12.86 22.25 -0.35
C ASN A 107 -11.81 23.33 -0.08
N MET A 108 -10.57 23.05 -0.44
CA MET A 108 -9.47 23.97 -0.18
C MET A 108 -9.56 25.21 -1.05
N LYS A 109 -9.10 26.31 -0.49
CA LYS A 109 -8.93 27.53 -1.28
C LYS A 109 -7.97 27.26 -2.42
N LYS A 110 -8.29 27.81 -3.59
CA LYS A 110 -7.45 27.63 -4.77
C LYS A 110 -6.31 28.64 -4.73
N THR A 111 -5.43 28.44 -3.73
CA THR A 111 -4.21 29.21 -3.56
C THR A 111 -3.20 28.94 -4.70
N SER A 112 -2.23 29.84 -4.83
CA SER A 112 -1.17 29.67 -5.82
C SER A 112 -0.35 28.40 -5.57
N GLN A 113 -0.03 28.08 -4.31
CA GLN A 113 0.75 26.86 -4.03
C GLN A 113 0.00 25.61 -4.48
N LEU A 114 -1.31 25.55 -4.24
CA LEU A 114 -2.09 24.39 -4.68
C LEU A 114 -2.26 24.37 -6.19
N LYS A 115 -2.47 25.54 -6.80
CA LYS A 115 -2.57 25.57 -8.25
C LYS A 115 -1.29 25.06 -8.89
N TRP A 116 -0.13 25.38 -8.28
CA TRP A 116 1.11 24.86 -8.83
C TRP A 116 1.18 23.34 -8.61
N ALA A 117 0.95 22.90 -7.37
CA ALA A 117 1.15 21.50 -7.06
C ALA A 117 0.18 20.60 -7.83
N LEU A 118 -1.01 21.12 -8.14
CA LEU A 118 -2.02 20.32 -8.81
C LEU A 118 -1.96 20.46 -10.33
N GLY A 119 -0.90 21.05 -10.86
CA GLY A 119 -0.79 21.22 -12.30
C GLY A 119 -1.84 22.13 -12.90
N GLU A 120 -2.33 23.09 -12.12
CA GLU A 120 -3.34 24.10 -12.52
C GLU A 120 -4.73 23.47 -12.71
N GLU A 147 15.38 6.79 -17.74
CA GLU A 147 16.62 6.75 -16.98
C GLU A 147 16.77 5.43 -16.24
N LEU A 148 17.89 4.75 -16.46
CA LEU A 148 18.14 3.47 -15.82
C LEU A 148 18.33 3.65 -14.31
N ARG A 149 17.86 2.65 -13.56
CA ARG A 149 18.01 2.65 -12.11
C ARG A 149 18.38 1.26 -11.63
N SER A 150 19.28 1.20 -10.66
CA SER A 150 19.67 -0.08 -10.08
C SER A 150 18.76 -0.43 -8.91
N LEU A 151 18.80 -1.70 -8.54
CA LEU A 151 18.03 -2.21 -7.41
C LEU A 151 18.59 -1.68 -6.10
N ALA A 152 17.72 -1.18 -5.25
CA ALA A 152 18.10 -0.77 -3.90
C ALA A 152 17.49 -1.75 -2.90
N SER A 153 18.10 -1.83 -1.71
CA SER A 153 17.62 -2.78 -0.70
C SER A 153 16.24 -2.46 -0.14
N TRP A 154 15.78 -1.21 -0.23
CA TRP A 154 14.53 -0.85 0.44
C TRP A 154 13.33 -1.63 -0.10
N ILE A 155 13.36 -2.06 -1.36
CA ILE A 155 12.17 -2.71 -1.91
C ILE A 155 12.00 -4.12 -1.34
N GLN A 156 13.11 -4.85 -1.17
CA GLN A 156 13.04 -6.13 -0.45
C GLN A 156 12.57 -5.92 0.99
N ASN A 157 13.05 -4.85 1.64
CA ASN A 157 12.60 -4.57 3.00
C ASN A 157 11.12 -4.26 3.04
N GLU A 158 10.62 -3.54 2.04
CA GLU A 158 9.19 -3.29 1.96
C GLU A 158 8.42 -4.59 1.88
N PHE A 159 8.89 -5.49 1.01
CA PHE A 159 8.21 -6.77 0.85
C PHE A 159 8.25 -7.59 2.14
N ASN A 160 9.42 -7.67 2.79
CA ASN A 160 9.48 -8.35 4.08
C ASN A 160 8.47 -7.74 5.05
N LYS A 161 8.36 -6.41 5.06
CA LYS A 161 7.45 -5.76 5.98
C LYS A 161 6.01 -6.11 5.64
N ALA A 162 5.69 -6.20 4.35
CA ALA A 162 4.34 -6.55 3.94
C ALA A 162 3.94 -7.97 4.35
N CYS A 163 4.91 -8.87 4.56
CA CYS A 163 4.56 -10.24 4.96
C CYS A 163 4.30 -10.37 6.46
N GLU A 164 4.61 -9.37 7.27
CA GLU A 164 4.58 -9.50 8.71
C GLU A 164 3.16 -9.43 9.24
N LEU A 165 3.00 -9.90 10.48
CA LEU A 165 1.76 -9.73 11.21
C LEU A 165 1.78 -8.41 11.96
N THR A 166 0.61 -7.79 12.05
CA THR A 166 0.38 -6.61 12.87
C THR A 166 -0.48 -7.03 14.06
N ASP A 167 -0.64 -6.14 15.02
CA ASP A 167 -1.43 -6.51 16.18
C ASP A 167 -2.91 -6.17 16.02
N SER A 168 -3.34 -5.85 14.79
CA SER A 168 -4.72 -5.48 14.51
C SER A 168 -5.24 -6.30 13.34
N SER A 169 -6.55 -6.53 13.33
CA SER A 169 -7.21 -7.21 12.22
C SER A 169 -7.84 -6.17 11.30
N TRP A 170 -7.68 -6.38 10.01
CA TRP A 170 -8.06 -5.40 9.00
C TRP A 170 -9.27 -5.82 8.19
N ILE A 171 -9.76 -7.04 8.36
CA ILE A 171 -10.91 -7.53 7.62
C ILE A 171 -11.80 -8.32 8.57
N GLU A 172 -13.06 -8.42 8.19
CA GLU A 172 -14.04 -9.23 8.89
C GLU A 172 -13.89 -10.70 8.50
N LEU A 173 -14.47 -11.56 9.32
CA LEU A 173 -14.34 -12.99 9.10
C LEU A 173 -14.84 -13.41 7.72
N ASP A 174 -15.91 -12.79 7.22
CA ASP A 174 -16.50 -13.17 5.94
C ASP A 174 -16.15 -12.19 4.82
N GLU A 175 -15.02 -11.49 4.95
CA GLU A 175 -14.61 -10.52 3.94
C GLU A 175 -14.42 -11.18 2.58
N ILE A 176 -13.81 -12.36 2.56
CA ILE A 176 -13.28 -12.92 1.33
C ILE A 176 -14.39 -13.68 0.61
N GLY A 177 -14.56 -13.39 -0.68
CA GLY A 177 -15.58 -14.07 -1.44
C GLY A 177 -16.73 -13.14 -1.80
N GLU A 178 -17.52 -13.59 -2.77
CA GLU A 178 -18.58 -12.80 -3.39
C GLU A 178 -19.80 -13.64 -3.66
N ASP A 179 -19.83 -14.88 -3.19
CA ASP A 179 -20.77 -15.86 -3.67
C ASP A 179 -22.20 -15.46 -3.35
N ALA A 180 -23.10 -15.75 -4.30
CA ALA A 180 -24.52 -15.49 -4.08
C ALA A 180 -25.08 -16.46 -3.06
N ALA A 181 -24.69 -17.72 -3.14
CA ALA A 181 -25.24 -18.79 -2.32
C ALA A 181 -24.34 -19.06 -1.12
N PRO A 182 -24.87 -19.76 -0.10
CA PRO A 182 -24.00 -20.26 0.97
C PRO A 182 -22.91 -21.19 0.42
N ILE A 183 -21.73 -21.11 1.03
CA ILE A 183 -20.59 -21.87 0.51
C ILE A 183 -20.52 -23.24 1.18
N GLU A 184 -19.87 -24.17 0.48
CA GLU A 184 -19.74 -25.54 0.97
C GLU A 184 -18.95 -25.60 2.27
N HIS A 185 -19.03 -26.76 2.93
CA HIS A 185 -18.29 -26.98 4.17
C HIS A 185 -16.79 -26.88 3.94
N ILE A 186 -16.29 -27.58 2.91
CA ILE A 186 -14.86 -27.56 2.65
C ILE A 186 -14.39 -26.16 2.28
N ALA A 187 -15.07 -25.51 1.32
CA ALA A 187 -14.68 -24.16 0.92
C ALA A 187 -14.69 -23.21 2.12
N SER A 188 -15.70 -23.35 2.98
CA SER A 188 -15.76 -22.56 4.20
C SER A 188 -14.55 -22.81 5.10
N MET A 189 -14.23 -24.08 5.34
CA MET A 189 -13.06 -24.43 6.15
C MET A 189 -11.80 -23.76 5.61
N ARG A 190 -11.57 -23.89 4.31
CA ARG A 190 -10.39 -23.29 3.71
C ARG A 190 -10.38 -21.79 3.88
N ARG A 191 -11.54 -21.15 3.72
CA ARG A 191 -11.59 -19.70 3.85
C ARG A 191 -11.31 -19.28 5.29
N ASN A 192 -11.85 -20.01 6.26
CA ASN A 192 -11.62 -19.67 7.67
C ASN A 192 -10.16 -19.85 8.06
N TYR A 193 -9.53 -20.94 7.63
CA TYR A 193 -8.10 -21.14 7.90
C TYR A 193 -7.27 -20.01 7.31
N PHE A 194 -7.51 -19.67 6.04
CA PHE A 194 -6.72 -18.66 5.35
C PHE A 194 -6.91 -17.29 5.99
N THR A 195 -8.15 -16.91 6.29
CA THR A 195 -8.44 -15.63 6.90
C THR A 195 -7.73 -15.47 8.23
N ALA A 196 -7.72 -16.53 9.04
CA ALA A 196 -7.02 -16.46 10.32
C ALA A 196 -5.54 -16.16 10.13
N GLU A 197 -4.98 -16.55 8.98
CA GLU A 197 -3.56 -16.32 8.73
C GLU A 197 -3.27 -14.93 8.17
N VAL A 198 -4.21 -14.31 7.47
CA VAL A 198 -3.93 -13.06 6.77
C VAL A 198 -4.73 -11.87 7.30
N SER A 199 -5.66 -12.07 8.23
CA SER A 199 -6.47 -10.94 8.70
C SER A 199 -5.62 -9.89 9.40
N HIS A 200 -4.57 -10.30 10.09
CA HIS A 200 -3.71 -9.36 10.80
C HIS A 200 -2.50 -8.95 9.98
N CYS A 201 -2.39 -9.45 8.75
CA CYS A 201 -1.21 -9.25 7.92
C CYS A 201 -1.11 -7.80 7.45
N ARG A 202 0.12 -7.28 7.43
CA ARG A 202 0.34 -5.91 6.99
C ARG A 202 -0.14 -5.70 5.57
N ALA A 203 0.08 -6.68 4.70
CA ALA A 203 -0.40 -6.57 3.33
C ALA A 203 -1.90 -6.34 3.28
N THR A 204 -2.62 -6.84 4.28
CA THR A 204 -4.05 -6.65 4.34
C THR A 204 -4.40 -5.22 4.72
N GLU A 205 -3.59 -4.60 5.57
CA GLU A 205 -3.74 -3.18 5.82
C GLU A 205 -3.56 -2.38 4.53
N TYR A 206 -2.54 -2.71 3.74
CA TYR A 206 -2.34 -2.04 2.46
C TYR A 206 -3.55 -2.21 1.55
N ILE A 207 -4.15 -3.40 1.54
CA ILE A 207 -5.37 -3.60 0.75
C ILE A 207 -6.44 -2.59 1.18
N MET A 208 -6.75 -2.57 2.47
CA MET A 208 -7.86 -1.77 2.98
C MET A 208 -7.56 -0.29 2.91
N LYS A 209 -6.32 0.09 3.22
CA LYS A 209 -5.86 1.46 3.00
C LYS A 209 -6.06 1.85 1.55
N GLY A 210 -5.61 1.01 0.61
CA GLY A 210 -5.77 1.33 -0.80
C GLY A 210 -7.22 1.40 -1.23
N VAL A 211 -8.05 0.50 -0.70
CA VAL A 211 -9.47 0.49 -1.03
C VAL A 211 -10.14 1.78 -0.55
N TYR A 212 -9.88 2.19 0.70
CA TYR A 212 -10.48 3.42 1.23
C TYR A 212 -10.06 4.63 0.41
N ILE A 213 -8.76 4.81 0.18
CA ILE A 213 -8.32 6.06 -0.45
C ILE A 213 -8.77 6.12 -1.90
N ASN A 214 -8.75 4.98 -2.60
CA ASN A 214 -9.21 4.99 -3.98
C ASN A 214 -10.71 5.23 -4.09
N THR A 215 -11.48 4.75 -3.12
CA THR A 215 -12.91 4.99 -3.17
C THR A 215 -13.21 6.45 -2.87
N ALA A 216 -12.51 7.02 -1.89
CA ALA A 216 -12.75 8.42 -1.55
C ALA A 216 -12.35 9.32 -2.70
N LEU A 217 -11.24 9.00 -3.37
CA LEU A 217 -10.77 9.86 -4.46
C LEU A 217 -11.66 9.74 -5.68
N LEU A 218 -12.05 8.51 -6.05
CA LEU A 218 -12.91 8.34 -7.21
C LEU A 218 -14.28 8.97 -6.97
N ASN A 219 -14.81 8.82 -5.76
CA ASN A 219 -16.08 9.45 -5.44
C ASN A 219 -15.96 10.97 -5.49
N ALA A 220 -14.86 11.52 -4.97
CA ALA A 220 -14.70 12.99 -5.02
C ALA A 220 -14.48 13.47 -6.44
N SER A 221 -13.77 12.69 -7.26
CA SER A 221 -13.58 13.07 -8.65
C SER A 221 -14.89 13.24 -9.37
N CYS A 222 -15.95 12.61 -8.87
CA CYS A 222 -17.26 12.63 -9.46
C CYS A 222 -18.14 13.68 -8.80
N ALA A 223 -18.12 13.73 -7.48
CA ALA A 223 -19.02 14.58 -6.70
C ALA A 223 -18.52 16.01 -6.51
N ALA A 224 -17.28 16.32 -6.89
CA ALA A 224 -16.69 17.62 -6.63
C ALA A 224 -15.63 17.91 -7.70
N MET A 225 -16.09 17.91 -8.96
CA MET A 225 -15.16 17.88 -10.08
C MET A 225 -14.26 19.10 -10.13
N ASP A 226 -14.79 20.28 -9.80
CA ASP A 226 -14.01 21.51 -9.88
C ASP A 226 -13.35 21.90 -8.57
N ASP A 227 -13.56 21.16 -7.50
CA ASP A 227 -13.04 21.57 -6.20
C ASP A 227 -11.70 20.91 -5.90
N PHE A 228 -10.82 21.65 -5.20
CA PHE A 228 -9.62 21.07 -4.61
C PHE A 228 -10.02 20.50 -3.26
N GLN A 229 -10.67 19.33 -3.30
CA GLN A 229 -11.21 18.77 -2.07
C GLN A 229 -10.10 18.13 -1.22
N LEU A 230 -10.16 18.40 0.08
CA LEU A 230 -9.31 17.75 1.07
C LEU A 230 -9.86 16.36 1.37
N ILE A 231 -9.04 15.34 1.18
CA ILE A 231 -9.46 13.96 1.28
C ILE A 231 -8.56 13.22 2.28
N PRO A 232 -9.02 13.01 3.50
CA PRO A 232 -8.23 12.28 4.49
C PRO A 232 -7.91 10.85 4.02
N MET A 233 -6.74 10.36 4.40
CA MET A 233 -6.37 8.97 4.20
C MET A 233 -6.70 8.22 5.49
N ILE A 234 -7.72 7.38 5.42
CA ILE A 234 -8.27 6.71 6.59
CA ILE A 234 -8.23 6.71 6.60
C ILE A 234 -8.16 5.19 6.43
N SER A 235 -8.00 4.49 7.55
CA SER A 235 -8.22 3.05 7.60
C SER A 235 -8.91 2.72 8.92
N LYS A 236 -9.45 1.51 8.99
CA LYS A 236 -10.14 1.03 10.17
C LYS A 236 -9.69 -0.39 10.47
N CYS A 237 -9.57 -0.69 11.76
CA CYS A 237 -9.10 -1.99 12.19
C CYS A 237 -9.68 -2.29 13.57
N ARG A 238 -9.43 -3.51 14.04
CA ARG A 238 -9.90 -3.95 15.35
C ARG A 238 -8.69 -4.45 16.12
N THR A 239 -8.51 -3.93 17.34
CA THR A 239 -7.35 -4.30 18.13
C THR A 239 -7.45 -5.74 18.61
N LYS A 240 -6.33 -6.26 19.11
CA LYS A 240 -6.31 -7.62 19.65
C LYS A 240 -7.40 -7.82 20.70
N GLU A 241 -7.77 -6.76 21.42
CA GLU A 241 -8.79 -6.86 22.45
C GLU A 241 -10.20 -6.58 21.92
N GLY A 242 -10.37 -6.39 20.61
CA GLY A 242 -11.68 -6.23 20.04
C GLY A 242 -12.16 -4.80 19.89
N ARG A 243 -11.34 -3.83 20.26
CA ARG A 243 -11.73 -2.43 20.14
C ARG A 243 -11.63 -1.97 18.68
N ARG A 244 -12.70 -1.35 18.20
CA ARG A 244 -12.69 -0.73 16.87
C ARG A 244 -11.83 0.53 16.90
N LYS A 245 -11.06 0.73 15.83
CA LYS A 245 -10.11 1.83 15.82
C LYS A 245 -10.08 2.49 14.45
N THR A 246 -9.94 3.82 14.42
CA THR A 246 -9.93 4.59 13.17
C THR A 246 -8.60 5.29 13.02
N ASN A 247 -8.00 5.17 11.84
CA ASN A 247 -6.61 5.58 11.61
C ASN A 247 -6.52 6.66 10.54
N LEU A 248 -5.71 7.68 10.82
CA LEU A 248 -5.42 8.74 9.86
C LEU A 248 -3.94 8.67 9.47
N TYR A 249 -3.67 8.42 8.18
CA TYR A 249 -2.30 8.38 7.65
C TYR A 249 -1.81 9.73 7.16
N GLY A 250 -2.72 10.65 6.90
CA GLY A 250 -2.41 11.90 6.24
C GLY A 250 -3.59 12.33 5.38
N PHE A 251 -3.28 13.12 4.36
CA PHE A 251 -4.29 13.74 3.52
C PHE A 251 -3.83 13.74 2.07
N ILE A 252 -4.79 13.73 1.17
CA ILE A 252 -4.53 14.16 -0.19
C ILE A 252 -5.47 15.30 -0.50
N ILE A 253 -5.01 16.16 -1.40
CA ILE A 253 -5.83 17.17 -2.05
C ILE A 253 -5.89 16.83 -3.53
N LYS A 254 -7.09 16.74 -4.08
CA LYS A 254 -7.26 16.46 -5.50
C LYS A 254 -7.40 17.72 -6.34
N GLY A 255 -6.96 17.65 -7.57
CA GLY A 255 -7.15 18.74 -8.51
C GLY A 255 -8.50 18.68 -9.19
N ARG A 256 -8.65 19.50 -10.24
CA ARG A 256 -9.83 19.38 -11.07
C ARG A 256 -9.88 17.99 -11.67
N SER A 257 -11.10 17.41 -11.72
CA SER A 257 -11.28 16.05 -12.18
C SER A 257 -12.53 15.99 -13.04
N HIS A 258 -12.38 16.34 -14.31
CA HIS A 258 -13.43 16.08 -15.30
C HIS A 258 -13.01 14.85 -16.09
N LEU A 259 -13.25 13.69 -15.49
CA LEU A 259 -12.76 12.42 -16.01
C LEU A 259 -13.78 11.88 -16.98
N ARG A 260 -13.66 12.30 -18.24
CA ARG A 260 -14.59 11.84 -19.26
C ARG A 260 -14.43 10.35 -19.55
N ASN A 261 -13.23 9.81 -19.38
CA ASN A 261 -12.97 8.41 -19.74
C ASN A 261 -12.00 7.78 -18.74
N ASP A 262 -11.73 6.49 -18.95
CA ASP A 262 -11.01 5.70 -17.96
C ASP A 262 -9.55 6.12 -17.84
N THR A 263 -8.97 6.67 -18.90
CA THR A 263 -7.56 7.03 -18.87
C THR A 263 -7.30 8.49 -18.55
N ASP A 264 -8.35 9.32 -18.46
CA ASP A 264 -8.15 10.69 -18.02
C ASP A 264 -7.59 10.70 -16.60
N VAL A 265 -6.70 11.66 -16.34
CA VAL A 265 -5.90 11.71 -15.13
C VAL A 265 -6.42 12.82 -14.24
N VAL A 266 -6.62 12.52 -12.96
CA VAL A 266 -6.79 13.53 -11.92
C VAL A 266 -5.47 13.65 -11.15
N ASN A 267 -5.01 14.88 -10.98
CA ASN A 267 -3.80 15.16 -10.23
C ASN A 267 -4.12 15.23 -8.74
N PHE A 268 -3.12 14.94 -7.92
CA PHE A 268 -3.35 15.14 -6.49
C PHE A 268 -2.02 15.34 -5.78
N VAL A 269 -2.11 15.90 -4.58
CA VAL A 269 -0.97 16.09 -3.68
C VAL A 269 -1.21 15.22 -2.46
N SER A 270 -0.22 14.41 -2.11
CA SER A 270 -0.31 13.57 -0.93
C SER A 270 0.59 14.12 0.16
N MET A 271 0.12 14.05 1.40
CA MET A 271 0.83 14.56 2.58
C MET A 271 0.71 13.52 3.69
N GLU A 272 1.80 12.82 4.00
CA GLU A 272 1.72 11.58 4.76
C GLU A 272 2.63 11.61 5.97
N PHE A 273 2.08 11.34 7.15
CA PHE A 273 2.89 11.26 8.36
C PHE A 273 3.91 10.13 8.28
N SER A 274 5.04 10.33 8.94
CA SER A 274 6.02 9.25 9.05
C SER A 274 7.01 9.56 10.16
N LEU A 275 7.57 8.50 10.74
CA LEU A 275 8.71 8.60 11.61
C LEU A 275 10.02 8.34 10.88
N THR A 276 9.96 7.94 9.62
CA THR A 276 11.19 7.64 8.89
C THR A 276 11.91 8.94 8.59
N ASP A 277 13.15 9.05 9.03
CA ASP A 277 14.01 10.16 8.65
C ASP A 277 14.43 10.00 7.20
N PRO A 278 14.02 10.89 6.30
CA PRO A 278 14.38 10.72 4.88
C PRO A 278 15.85 10.79 4.61
N ARG A 279 16.66 11.28 5.55
CA ARG A 279 18.07 11.48 5.27
C ARG A 279 18.88 10.20 5.36
N LEU A 280 18.27 9.10 5.80
CA LEU A 280 18.92 7.80 5.82
C LEU A 280 18.98 7.16 4.44
N GLU A 281 17.89 7.25 3.66
CA GLU A 281 17.80 6.66 2.32
C GLU A 281 17.25 7.70 1.34
N PRO A 282 17.99 8.78 1.09
CA PRO A 282 17.42 9.86 0.27
C PRO A 282 17.06 9.42 -1.14
N HIS A 283 17.81 8.48 -1.72
CA HIS A 283 17.47 7.97 -3.04
C HIS A 283 16.07 7.38 -3.08
N LYS A 284 15.59 6.85 -1.95
CA LYS A 284 14.23 6.33 -1.93
C LYS A 284 13.21 7.44 -2.16
N TRP A 285 13.58 8.68 -1.85
CA TRP A 285 12.62 9.77 -1.72
C TRP A 285 12.80 10.84 -2.79
N GLU A 286 13.34 10.44 -3.95
CA GLU A 286 13.62 11.39 -5.02
C GLU A 286 12.37 12.19 -5.44
N LYS A 287 11.19 11.62 -5.31
CA LYS A 287 9.99 12.28 -5.80
C LYS A 287 9.27 13.06 -4.73
N TYR A 288 9.81 13.14 -3.52
CA TYR A 288 9.15 13.79 -2.40
C TYR A 288 9.88 15.05 -1.94
N CYS A 289 9.10 15.99 -1.42
CA CYS A 289 9.57 16.97 -0.48
C CYS A 289 9.17 16.48 0.90
N VAL A 290 10.10 16.45 1.84
CA VAL A 290 9.82 15.93 3.16
C VAL A 290 10.00 17.04 4.18
N LEU A 291 8.97 17.23 5.00
CA LEU A 291 8.95 18.22 6.06
C LEU A 291 9.13 17.53 7.39
N GLU A 292 9.59 18.30 8.37
CA GLU A 292 9.50 17.95 9.78
C GLU A 292 8.41 18.82 10.36
N VAL A 293 7.41 18.20 11.00
CA VAL A 293 6.19 18.90 11.37
C VAL A 293 5.82 18.71 12.82
N GLY A 294 6.56 17.89 13.58
CA GLY A 294 6.21 17.70 14.97
C GLY A 294 7.22 16.79 15.64
N ASP A 295 6.94 16.50 16.91
CA ASP A 295 7.67 15.50 17.67
C ASP A 295 6.66 14.64 18.41
N MET A 296 6.90 13.34 18.42
CA MET A 296 5.96 12.40 19.00
C MET A 296 6.64 11.67 20.15
N LEU A 297 5.93 11.56 21.27
CA LEU A 297 6.42 10.83 22.43
C LEU A 297 6.04 9.36 22.26
N LEU A 298 7.02 8.47 22.49
CA LEU A 298 6.83 7.07 22.15
C LEU A 298 7.29 6.15 23.26
N ARG A 299 6.58 5.04 23.43
CA ARG A 299 7.10 3.92 24.17
C ARG A 299 8.12 3.20 23.31
N SER A 300 9.17 2.69 23.93
CA SER A 300 10.23 2.00 23.19
C SER A 300 10.89 0.99 24.11
N ALA A 301 11.81 0.21 23.53
CA ALA A 301 12.59 -0.74 24.31
C ALA A 301 13.40 -0.03 25.41
N ILE A 302 13.74 1.24 25.22
CA ILE A 302 14.56 1.94 26.20
C ILE A 302 13.75 2.99 26.93
N GLY A 303 12.44 2.76 27.06
CA GLY A 303 11.57 3.69 27.76
C GLY A 303 11.00 4.75 26.83
N HIS A 304 10.34 5.73 27.44
CA HIS A 304 9.75 6.83 26.66
C HIS A 304 10.83 7.62 25.93
N VAL A 305 10.60 7.90 24.65
CA VAL A 305 11.54 8.66 23.84
C VAL A 305 10.77 9.60 22.91
N SER A 306 11.41 10.71 22.55
CA SER A 306 10.83 11.70 21.66
C SER A 306 11.48 11.58 20.29
N ARG A 307 10.66 11.43 19.27
CA ARG A 307 11.18 11.29 17.91
C ARG A 307 10.49 12.28 16.99
N PRO A 308 11.23 12.85 16.04
CA PRO A 308 10.62 13.77 15.08
C PRO A 308 9.56 13.08 14.25
N MET A 309 8.55 13.84 13.87
CA MET A 309 7.50 13.38 12.98
C MET A 309 7.65 14.08 11.65
N PHE A 310 7.70 13.32 10.59
CA PHE A 310 7.93 13.89 9.27
C PHE A 310 6.63 13.87 8.47
N LEU A 311 6.63 14.63 7.38
CA LEU A 311 5.50 14.66 6.45
C LEU A 311 6.08 14.50 5.06
N TYR A 312 5.73 13.40 4.41
CA TYR A 312 6.18 13.11 3.06
C TYR A 312 5.16 13.70 2.09
N VAL A 313 5.61 14.63 1.24
CA VAL A 313 4.74 15.37 0.33
C VAL A 313 5.19 15.11 -1.10
N ARG A 314 4.25 14.73 -1.96
CA ARG A 314 4.55 14.66 -3.37
C ARG A 314 3.29 14.93 -4.17
N THR A 315 3.48 15.31 -5.42
CA THR A 315 2.41 15.36 -6.39
C THR A 315 2.38 14.04 -7.13
N ASN A 316 1.21 13.70 -7.64
CA ASN A 316 0.99 12.38 -8.20
C ASN A 316 -0.29 12.48 -9.01
N GLY A 317 -0.66 11.36 -9.63
CA GLY A 317 -1.86 11.34 -10.44
C GLY A 317 -2.33 9.92 -10.60
N THR A 318 -3.60 9.79 -10.94
CA THR A 318 -4.20 8.50 -11.19
C THR A 318 -5.39 8.72 -12.11
N SER A 319 -5.94 7.64 -12.62
CA SER A 319 -7.02 7.70 -13.59
C SER A 319 -8.19 6.88 -13.08
N LYS A 320 -9.32 7.00 -13.76
CA LYS A 320 -10.51 6.24 -13.40
C LYS A 320 -10.20 4.75 -13.32
N ILE A 321 -9.58 4.20 -14.36
CA ILE A 321 -9.39 2.76 -14.40
C ILE A 321 -8.45 2.31 -13.29
N LYS A 322 -7.42 3.09 -12.98
CA LYS A 322 -6.56 2.73 -11.85
C LYS A 322 -7.30 2.84 -10.53
N MET A 323 -8.19 3.84 -10.40
CA MET A 323 -8.93 3.95 -9.15
C MET A 323 -9.92 2.80 -9.00
N LYS A 324 -10.49 2.33 -10.11
CA LYS A 324 -11.38 1.18 -10.05
C LYS A 324 -10.63 -0.08 -9.63
N TRP A 325 -9.40 -0.27 -10.14
CA TRP A 325 -8.59 -1.39 -9.68
C TRP A 325 -8.22 -1.24 -8.21
N GLY A 326 -7.88 -0.02 -7.78
CA GLY A 326 -7.60 0.20 -6.38
C GLY A 326 -8.77 -0.17 -5.49
N MET A 327 -10.01 0.06 -5.98
CA MET A 327 -11.19 -0.29 -5.21
C MET A 327 -11.39 -1.79 -5.13
N GLU A 328 -10.82 -2.55 -6.06
CA GLU A 328 -10.96 -4.00 -6.08
C GLU A 328 -9.81 -4.75 -5.40
N MET A 329 -8.95 -4.07 -4.62
CA MET A 329 -7.78 -4.75 -4.06
C MET A 329 -8.14 -5.91 -3.13
N ARG A 330 -9.37 -5.99 -2.63
CA ARG A 330 -9.74 -7.13 -1.83
C ARG A 330 -9.68 -8.42 -2.63
N ARG A 331 -9.73 -8.34 -3.96
CA ARG A 331 -9.49 -9.51 -4.79
C ARG A 331 -8.11 -10.12 -4.57
N CYS A 332 -7.14 -9.36 -4.07
CA CYS A 332 -5.85 -9.96 -3.74
C CYS A 332 -6.03 -11.07 -2.70
N LEU A 333 -6.93 -10.87 -1.75
CA LEU A 333 -7.25 -11.89 -0.78
C LEU A 333 -7.85 -13.12 -1.45
N LEU A 334 -8.75 -12.92 -2.41
CA LEU A 334 -9.38 -14.07 -3.06
C LEU A 334 -8.40 -14.79 -3.96
N GLN A 335 -7.55 -14.05 -4.67
CA GLN A 335 -6.65 -14.66 -5.64
C GLN A 335 -5.59 -15.53 -4.96
N SER A 336 -5.08 -15.08 -3.83
CA SER A 336 -4.03 -15.83 -3.16
C SER A 336 -4.61 -17.01 -2.36
N LEU A 337 -5.81 -16.86 -1.81
CA LEU A 337 -6.56 -18.01 -1.30
C LEU A 337 -6.71 -19.08 -2.38
N GLN A 338 -7.00 -18.67 -3.61
CA GLN A 338 -7.21 -19.66 -4.67
C GLN A 338 -5.92 -20.36 -5.05
N GLN A 339 -4.79 -19.68 -4.92
CA GLN A 339 -3.52 -20.36 -5.10
C GLN A 339 -3.32 -21.41 -4.01
N ILE A 340 -3.70 -21.07 -2.77
CA ILE A 340 -3.65 -22.04 -1.69
C ILE A 340 -4.58 -23.21 -1.99
N GLU A 341 -5.85 -22.91 -2.31
CA GLU A 341 -6.82 -23.96 -2.59
C GLU A 341 -6.37 -24.84 -3.74
N SER A 342 -5.75 -24.24 -4.75
CA SER A 342 -5.14 -25.03 -5.81
C SER A 342 -4.16 -26.05 -5.24
N MET A 343 -3.34 -25.65 -4.27
CA MET A 343 -2.37 -26.57 -3.70
C MET A 343 -3.05 -27.67 -2.88
N ILE A 344 -4.05 -27.30 -2.07
CA ILE A 344 -4.75 -28.30 -1.28
C ILE A 344 -5.48 -29.29 -2.18
N GLU A 345 -6.03 -28.81 -3.31
CA GLU A 345 -6.76 -29.71 -4.20
C GLU A 345 -5.83 -30.70 -4.86
N ALA A 346 -4.57 -30.32 -5.10
CA ALA A 346 -3.60 -31.26 -5.64
C ALA A 346 -3.26 -32.34 -4.62
N GLU A 347 -2.96 -31.93 -3.38
CA GLU A 347 -2.69 -32.91 -2.33
C GLU A 347 -3.89 -33.81 -2.07
N SER A 348 -5.10 -33.27 -2.23
CA SER A 348 -6.29 -34.08 -2.03
C SER A 348 -6.51 -35.07 -3.18
N SER A 349 -6.08 -34.72 -4.38
CA SER A 349 -6.21 -35.63 -5.51
C SER A 349 -5.26 -36.81 -5.37
N VAL A 350 -4.07 -36.57 -4.83
CA VAL A 350 -3.11 -37.65 -4.63
C VAL A 350 -3.56 -38.56 -3.49
N LYS A 351 -3.94 -37.98 -2.36
CA LYS A 351 -4.31 -38.76 -1.18
C LYS A 351 -5.77 -39.19 -1.19
N GLU A 352 -6.50 -38.92 -2.27
CA GLU A 352 -7.88 -39.40 -2.44
C GLU A 352 -8.75 -39.10 -1.22
N LYS A 353 -8.55 -37.90 -0.66
CA LYS A 353 -9.11 -37.47 0.61
C LYS A 353 -8.84 -35.98 0.76
N ASP A 354 -9.77 -35.27 1.38
CA ASP A 354 -9.59 -33.84 1.56
C ASP A 354 -8.47 -33.54 2.55
N MET A 355 -7.52 -32.70 2.14
CA MET A 355 -6.31 -32.43 2.90
C MET A 355 -6.30 -31.05 3.54
N THR A 356 -7.46 -30.41 3.67
CA THR A 356 -7.52 -29.05 4.19
C THR A 356 -6.94 -28.95 5.60
N LYS A 357 -7.46 -29.76 6.53
CA LYS A 357 -6.93 -29.76 7.88
C LYS A 357 -5.46 -30.14 7.88
N GLU A 358 -5.10 -31.19 7.15
CA GLU A 358 -3.71 -31.63 7.11
C GLU A 358 -2.81 -30.54 6.54
N PHE A 359 -3.29 -29.84 5.52
CA PHE A 359 -2.50 -28.77 4.94
C PHE A 359 -2.32 -27.62 5.93
N PHE A 360 -3.42 -27.13 6.48
CA PHE A 360 -3.32 -25.89 7.25
C PHE A 360 -2.74 -26.11 8.62
N GLU A 361 -2.98 -27.27 9.23
CA GLU A 361 -2.39 -27.56 10.52
C GLU A 361 -0.99 -28.15 10.42
N ASN A 362 -0.53 -28.44 9.19
CA ASN A 362 0.83 -28.93 8.95
C ASN A 362 1.08 -30.23 9.71
N LYS A 363 0.47 -31.29 9.19
CA LYS A 363 0.50 -32.61 9.83
C LYS A 363 0.63 -33.72 8.79
N SER A 372 5.44 -37.73 1.20
CA SER A 372 4.64 -36.61 1.71
C SER A 372 5.52 -35.50 2.31
N PRO A 373 5.01 -34.25 2.34
CA PRO A 373 5.85 -33.14 2.77
C PRO A 373 6.21 -33.26 4.24
N LYS A 374 7.45 -32.87 4.55
CA LYS A 374 8.00 -33.00 5.89
C LYS A 374 8.37 -31.65 6.48
N GLY A 375 7.81 -30.58 5.92
CA GLY A 375 8.11 -29.25 6.39
C GLY A 375 7.52 -28.21 5.46
N VAL A 376 7.77 -26.95 5.81
CA VAL A 376 7.33 -25.81 5.02
C VAL A 376 8.54 -24.92 4.77
N GLU A 377 8.82 -24.64 3.49
CA GLU A 377 10.04 -23.94 3.14
C GLU A 377 10.09 -22.53 3.72
N GLU A 378 9.00 -21.78 3.64
CA GLU A 378 8.98 -20.48 4.27
C GLU A 378 8.96 -20.56 5.79
N GLY A 379 8.82 -21.76 6.37
CA GLY A 379 8.80 -21.90 7.81
C GLY A 379 7.46 -22.31 8.39
N SER A 380 6.37 -21.75 7.87
CA SER A 380 5.04 -22.08 8.37
C SER A 380 4.02 -21.89 7.26
N ILE A 381 2.89 -22.60 7.38
CA ILE A 381 1.77 -22.38 6.48
C ILE A 381 1.34 -20.93 6.53
N GLY A 382 1.36 -20.35 7.73
CA GLY A 382 0.99 -18.95 7.86
C GLY A 382 1.84 -18.03 7.01
N LYS A 383 3.15 -18.26 6.99
CA LYS A 383 4.02 -17.40 6.19
C LYS A 383 3.82 -17.66 4.71
N VAL A 384 3.48 -18.89 4.31
CA VAL A 384 3.14 -19.14 2.91
C VAL A 384 1.95 -18.30 2.50
N CYS A 385 0.89 -18.30 3.33
CA CYS A 385 -0.29 -17.49 3.03
C CYS A 385 0.07 -16.01 2.91
N ARG A 386 0.81 -15.48 3.88
CA ARG A 386 1.09 -14.05 3.87
C ARG A 386 2.05 -13.68 2.75
N THR A 387 2.95 -14.58 2.38
CA THR A 387 3.87 -14.30 1.29
C THR A 387 3.13 -14.26 -0.04
N LEU A 388 2.28 -15.26 -0.31
CA LEU A 388 1.44 -15.22 -1.51
C LEU A 388 0.61 -13.94 -1.54
N LEU A 389 0.02 -13.57 -0.41
CA LEU A 389 -0.79 -12.35 -0.37
C LEU A 389 0.06 -11.11 -0.67
N ALA A 390 1.24 -11.03 -0.07
CA ALA A 390 2.08 -9.86 -0.26
C ALA A 390 2.50 -9.71 -1.71
N LYS A 391 2.79 -10.84 -2.38
CA LYS A 391 3.11 -10.76 -3.81
C LYS A 391 1.93 -10.23 -4.59
N SER A 392 0.74 -10.71 -4.27
CA SER A 392 -0.46 -10.24 -4.96
C SER A 392 -0.70 -8.75 -4.71
N VAL A 393 -0.53 -8.29 -3.47
CA VAL A 393 -0.80 -6.89 -3.16
C VAL A 393 0.23 -5.98 -3.83
N PHE A 394 1.51 -6.35 -3.77
CA PHE A 394 2.55 -5.56 -4.44
C PHE A 394 2.40 -5.57 -5.95
N ASN A 395 1.91 -6.66 -6.56
CA ASN A 395 1.60 -6.60 -7.97
C ASN A 395 0.56 -5.54 -8.28
N SER A 396 -0.32 -5.28 -7.32
CA SER A 396 -1.36 -4.27 -7.48
C SER A 396 -0.79 -2.88 -7.20
N LEU A 397 -0.10 -2.72 -6.07
CA LEU A 397 0.47 -1.43 -5.69
C LEU A 397 1.53 -0.96 -6.68
N TYR A 398 2.25 -1.88 -7.31
CA TYR A 398 3.33 -1.56 -8.23
C TYR A 398 3.02 -2.02 -9.64
N ALA A 399 1.74 -2.01 -10.02
CA ALA A 399 1.36 -2.39 -11.36
C ALA A 399 2.04 -1.49 -12.40
N SER A 400 2.50 -2.09 -13.48
CA SER A 400 3.20 -1.34 -14.52
C SER A 400 3.34 -2.21 -15.76
N PRO A 401 3.48 -1.61 -16.94
CA PRO A 401 3.80 -2.41 -18.13
C PRO A 401 5.07 -3.21 -17.99
N GLN A 402 6.07 -2.68 -17.30
CA GLN A 402 7.28 -3.45 -17.06
C GLN A 402 6.96 -4.74 -16.30
N LEU A 403 6.10 -4.67 -15.30
CA LEU A 403 5.73 -5.88 -14.57
C LEU A 403 5.01 -6.86 -15.48
N GLU A 404 4.13 -6.36 -16.35
CA GLU A 404 3.42 -7.24 -17.27
C GLU A 404 4.41 -8.01 -18.15
N GLY A 405 5.34 -7.31 -18.78
CA GLY A 405 6.26 -7.99 -19.67
C GLY A 405 7.15 -8.97 -18.93
N PHE A 406 7.73 -8.54 -17.81
CA PHE A 406 8.58 -9.44 -17.04
C PHE A 406 7.83 -10.69 -16.63
N SER A 407 6.60 -10.54 -16.13
CA SER A 407 5.82 -11.68 -15.68
C SER A 407 5.68 -12.71 -16.78
N ALA A 408 5.15 -12.29 -17.93
CA ALA A 408 4.91 -13.23 -19.03
C ALA A 408 6.22 -13.84 -19.51
N GLU A 409 7.23 -13.01 -19.77
CA GLU A 409 8.41 -13.49 -20.47
C GLU A 409 9.29 -14.32 -19.54
N SER A 410 9.39 -13.95 -18.26
CA SER A 410 10.18 -14.75 -17.35
C SER A 410 9.53 -16.11 -17.09
N ARG A 411 8.20 -16.22 -17.21
CA ARG A 411 7.55 -17.52 -17.08
C ARG A 411 7.98 -18.45 -18.21
N LYS A 412 8.03 -17.93 -19.44
CA LYS A 412 8.49 -18.73 -20.57
C LYS A 412 9.91 -19.24 -20.33
N LEU A 413 10.79 -18.35 -19.88
CA LEU A 413 12.15 -18.76 -19.58
C LEU A 413 12.21 -19.75 -18.43
N LEU A 414 11.29 -19.63 -17.47
CA LEU A 414 11.27 -20.57 -16.34
C LEU A 414 11.04 -21.99 -16.82
N LEU A 415 9.92 -22.23 -17.50
CA LEU A 415 9.58 -23.58 -17.97
C LEU A 415 10.71 -24.18 -18.81
N ILE A 416 11.32 -23.36 -19.67
CA ILE A 416 12.41 -23.85 -20.50
C ILE A 416 13.62 -24.22 -19.66
N VAL A 417 13.85 -23.50 -18.57
CA VAL A 417 14.97 -23.85 -17.69
C VAL A 417 14.63 -25.08 -16.87
N GLN A 418 13.37 -25.22 -16.46
CA GLN A 418 12.95 -26.40 -15.69
C GLN A 418 13.11 -27.66 -16.52
N ALA A 419 12.46 -27.69 -17.69
CA ALA A 419 12.55 -28.84 -18.57
C ALA A 419 14.00 -29.19 -18.89
N LEU A 420 14.86 -28.17 -19.05
CA LEU A 420 16.27 -28.42 -19.33
C LEU A 420 16.96 -29.05 -18.13
N ARG A 421 16.61 -28.60 -16.92
CA ARG A 421 17.22 -29.19 -15.73
C ARG A 421 16.77 -30.63 -15.56
N ASP A 422 15.46 -30.87 -15.53
CA ASP A 422 14.94 -32.20 -15.24
C ASP A 422 15.40 -33.25 -16.25
N ASN A 423 15.82 -32.85 -17.45
CA ASN A 423 16.19 -33.78 -18.50
C ASN A 423 17.62 -33.63 -18.97
N LEU A 424 18.47 -32.97 -18.18
CA LEU A 424 19.92 -32.92 -18.44
C LEU A 424 20.70 -33.01 -17.13
N GLY A 432 19.55 -15.80 -25.68
CA GLY A 432 19.17 -14.57 -26.33
C GLY A 432 17.82 -14.68 -27.02
N GLY A 433 17.23 -13.53 -27.35
CA GLY A 433 15.90 -13.50 -27.92
C GLY A 433 14.84 -13.38 -26.85
N LEU A 434 14.68 -14.45 -26.05
CA LEU A 434 13.79 -14.36 -24.91
C LEU A 434 14.37 -13.46 -23.83
N TYR A 435 15.70 -13.45 -23.70
CA TYR A 435 16.35 -12.55 -22.77
C TYR A 435 16.08 -11.09 -23.14
N GLU A 436 16.19 -10.77 -24.43
CA GLU A 436 15.89 -9.41 -24.86
C GLU A 436 14.48 -9.01 -24.45
N ALA A 437 13.53 -9.95 -24.50
CA ALA A 437 12.17 -9.64 -24.08
C ALA A 437 12.08 -9.42 -22.58
N ILE A 438 12.79 -10.25 -21.79
CA ILE A 438 12.78 -10.10 -20.35
C ILE A 438 13.57 -8.88 -19.92
N GLU A 439 14.81 -8.77 -20.40
CA GLU A 439 15.69 -7.70 -19.94
C GLU A 439 15.28 -6.34 -20.49
N GLU A 440 14.42 -6.28 -21.51
CA GLU A 440 13.89 -5.00 -21.94
C GLU A 440 12.95 -4.39 -20.92
N CYS A 441 12.39 -5.22 -20.04
CA CYS A 441 11.51 -4.74 -18.99
C CYS A 441 12.25 -4.32 -17.73
N LEU A 442 13.58 -4.50 -17.69
CA LEU A 442 14.36 -4.21 -16.49
C LEU A 442 14.99 -2.82 -16.62
N ILE A 443 14.19 -1.80 -16.36
CA ILE A 443 14.59 -0.41 -16.59
C ILE A 443 14.82 0.34 -15.28
N ASN A 444 13.76 0.49 -14.46
CA ASN A 444 13.90 1.29 -13.24
C ASN A 444 12.85 0.99 -12.18
N ASP A 445 11.95 0.05 -12.44
CA ASP A 445 10.85 -0.18 -11.52
C ASP A 445 11.34 -1.05 -10.36
N PRO A 446 11.25 -0.58 -9.12
CA PRO A 446 11.76 -1.39 -8.00
C PRO A 446 11.14 -2.78 -7.88
N TRP A 447 9.83 -2.90 -8.06
CA TRP A 447 9.18 -4.21 -7.91
C TRP A 447 9.66 -5.19 -8.97
N VAL A 448 9.73 -4.74 -10.23
CA VAL A 448 10.25 -5.59 -11.29
C VAL A 448 11.69 -5.98 -11.01
N LEU A 449 12.52 -5.00 -10.64
CA LEU A 449 13.93 -5.30 -10.38
C LEU A 449 14.09 -6.30 -9.26
N LEU A 450 13.27 -6.19 -8.21
CA LEU A 450 13.33 -7.19 -7.14
C LEU A 450 12.92 -8.57 -7.65
N ASN A 451 11.84 -8.65 -8.44
CA ASN A 451 11.40 -9.95 -8.94
C ASN A 451 12.43 -10.54 -9.89
N ALA A 452 13.18 -9.70 -10.60
CA ALA A 452 14.29 -10.19 -11.40
C ALA A 452 15.42 -10.72 -10.51
N SER A 453 15.74 -10.00 -9.43
CA SER A 453 16.73 -10.50 -8.48
C SER A 453 16.27 -11.84 -7.90
N TRP A 454 14.97 -11.99 -7.63
CA TRP A 454 14.43 -13.27 -7.17
C TRP A 454 14.56 -14.34 -8.25
N PHE A 455 14.25 -13.98 -9.50
CA PHE A 455 14.36 -14.94 -10.59
C PHE A 455 15.79 -15.46 -10.71
N ASN A 456 16.78 -14.57 -10.51
CA ASN A 456 18.17 -14.98 -10.67
C ASN A 456 18.58 -15.99 -9.61
N SER A 457 18.08 -15.85 -8.38
CA SER A 457 18.31 -16.90 -7.37
C SER A 457 17.71 -18.22 -7.82
N PHE A 458 16.49 -18.20 -8.36
CA PHE A 458 15.89 -19.43 -8.87
C PHE A 458 16.77 -20.08 -9.93
N LEU A 459 17.66 -19.31 -10.56
CA LEU A 459 18.53 -19.85 -11.60
C LEU A 459 19.75 -20.54 -10.98
N THR A 460 20.41 -19.87 -10.04
CA THR A 460 21.58 -20.45 -9.37
C THR A 460 21.23 -21.76 -8.69
N HIS A 461 19.99 -21.92 -8.22
CA HIS A 461 19.55 -23.20 -7.66
C HIS A 461 18.71 -24.01 -8.66
C11 8QG B . -1.11 22.66 14.31
C02 8QG B . -5.67 20.65 13.99
C03 8QG B . -4.85 20.17 14.91
C04 8QG B . -3.64 20.93 15.04
C05 8QG B . -3.54 21.97 14.20
C07 8QG B . -2.44 22.92 14.11
C08 8QG B . -2.50 24.30 13.80
N09 8QG B . -1.31 24.84 13.80
N10 8QG B . -0.44 23.82 14.12
S06 8QG B . -5.03 22.10 13.15
CL 8QG B . -7.26 19.97 13.55
#